data_5XDH
#
_entry.id   5XDH
#
_cell.length_a   42.794
_cell.length_b   47.687
_cell.length_c   48.993
_cell.angle_alpha   96.460
_cell.angle_beta   99.010
_cell.angle_gamma   102.130
#
_symmetry.space_group_name_H-M   'P 1'
#
loop_
_entity.id
_entity.type
_entity.pdbx_description
1 polymer 'Putative cytochrome c'
2 non-polymer 'HEME C'
3 non-polymer 'ACETATE ION'
4 non-polymer 'SULFATE ION'
5 water water
#
_entity_poly.entity_id   1
_entity_poly.type   'polypeptide(L)'
_entity_poly.pdbx_seq_one_letter_code
;GDIQKTYKDTCELCHGADGKGSEAGKQFGVPDFTSPDYQKSRTDAQMKESMTNGTKNPN(DAH)VKLSDLGVDLADLDPL
VQLVRGFNGK
;
_entity_poly.pdbx_strand_id   A,B,C,D
#
# COMPACT_ATOMS: atom_id res chain seq x y z
N GLY A 1 -1.96 6.09 31.92
CA GLY A 1 -3.17 5.29 32.24
C GLY A 1 -3.75 4.56 31.04
N ASP A 2 -5.07 4.43 31.01
CA ASP A 2 -5.75 3.57 30.05
C ASP A 2 -5.60 4.01 28.57
N ILE A 3 -5.75 5.30 28.32
CA ILE A 3 -5.61 5.82 26.96
C ILE A 3 -4.15 5.68 26.48
N GLN A 4 -3.18 5.97 27.34
CA GLN A 4 -1.78 5.78 26.97
CA GLN A 4 -1.78 5.78 26.99
C GLN A 4 -1.50 4.31 26.72
N LYS A 5 -2.09 3.41 27.50
CA LYS A 5 -1.94 1.98 27.29
C LYS A 5 -2.52 1.58 25.93
N THR A 6 -3.69 2.09 25.57
CA THR A 6 -4.27 1.80 24.27
C THR A 6 -3.35 2.28 23.19
N TYR A 7 -2.79 3.47 23.32
CA TYR A 7 -1.89 3.96 22.29
C TYR A 7 -0.67 3.03 22.17
N LYS A 8 -0.11 2.64 23.32
CA LYS A 8 1.06 1.76 23.26
C LYS A 8 0.72 0.42 22.61
N ASP A 9 -0.44 -0.11 22.92
CA ASP A 9 -0.80 -1.47 22.49
C ASP A 9 -1.28 -1.58 21.06
N THR A 10 -1.88 -0.54 20.48
N THR A 10 -1.81 -0.49 20.52
CA THR A 10 -2.41 -0.67 19.10
CA THR A 10 -2.58 -0.52 19.28
C THR A 10 -2.27 0.56 18.21
C THR A 10 -2.11 0.46 18.21
N CYS A 11 -1.46 1.56 18.62
CA CYS A 11 -1.09 2.66 17.71
C CYS A 11 0.40 2.80 17.53
N GLU A 12 1.16 2.64 18.61
CA GLU A 12 2.59 2.91 18.62
C GLU A 12 3.35 2.09 17.58
N LEU A 13 2.87 0.88 17.25
CA LEU A 13 3.59 0.07 16.28
C LEU A 13 3.85 0.86 15.01
N CYS A 14 2.87 1.64 14.59
CA CYS A 14 2.99 2.51 13.38
C CYS A 14 3.39 3.94 13.70
N HIS A 15 2.77 4.56 14.70
CA HIS A 15 2.96 5.98 14.94
C HIS A 15 4.16 6.34 15.80
N GLY A 16 4.73 5.33 16.47
CA GLY A 16 5.94 5.50 17.26
C GLY A 16 5.65 6.06 18.63
N ALA A 17 6.56 5.80 19.56
CA ALA A 17 6.42 6.32 20.92
C ALA A 17 6.48 7.84 20.95
N ASP A 18 7.09 8.45 19.92
CA ASP A 18 7.24 9.90 19.80
C ASP A 18 6.26 10.52 18.82
N GLY A 19 5.37 9.71 18.23
CA GLY A 19 4.39 10.24 17.27
C GLY A 19 4.94 10.56 15.91
N LYS A 20 6.23 10.35 15.65
CA LYS A 20 6.84 10.71 14.38
C LYS A 20 6.73 9.65 13.32
N GLY A 21 6.35 8.45 13.73
CA GLY A 21 6.27 7.30 12.84
C GLY A 21 7.44 6.38 13.05
N SER A 22 7.18 5.14 13.40
CA SER A 22 8.22 4.12 13.47
C SER A 22 8.70 3.79 12.07
N GLU A 23 9.68 2.91 11.95
CA GLU A 23 10.09 2.44 10.65
CA GLU A 23 10.09 2.46 10.63
C GLU A 23 8.90 1.84 9.91
N ALA A 24 8.08 1.06 10.61
CA ALA A 24 6.86 0.48 10.01
C ALA A 24 5.92 1.58 9.54
N GLY A 25 5.64 2.52 10.41
CA GLY A 25 4.75 3.62 10.05
C GLY A 25 5.25 4.44 8.88
N LYS A 26 6.55 4.68 8.79
CA LYS A 26 7.10 5.37 7.62
C LYS A 26 6.93 4.54 6.37
N GLN A 27 7.05 3.22 6.47
CA GLN A 27 6.78 2.34 5.32
C GLN A 27 5.32 2.45 4.86
N PHE A 28 4.37 2.63 5.78
CA PHE A 28 2.97 2.71 5.46
CA PHE A 28 2.95 2.72 5.48
C PHE A 28 2.49 4.12 5.11
N GLY A 29 3.25 5.14 5.52
CA GLY A 29 2.96 6.54 5.26
C GLY A 29 2.23 7.32 6.32
N VAL A 30 2.57 7.10 7.59
CA VAL A 30 1.95 7.87 8.65
C VAL A 30 2.33 9.34 8.53
N PRO A 31 1.52 10.25 9.03
CA PRO A 31 1.94 11.65 9.18
C PRO A 31 2.90 11.78 10.39
N ASP A 32 3.54 12.94 10.48
CA ASP A 32 4.39 13.29 11.63
C ASP A 32 3.57 14.05 12.65
N PHE A 33 3.12 13.40 13.71
CA PHE A 33 2.27 14.11 14.71
C PHE A 33 3.03 15.20 15.45
N THR A 34 4.37 15.20 15.41
CA THR A 34 5.10 16.27 16.09
C THR A 34 5.14 17.54 15.25
N SER A 35 4.81 17.48 13.96
CA SER A 35 4.89 18.66 13.10
C SER A 35 3.78 19.66 13.43
N PRO A 36 4.12 20.91 13.83
CA PRO A 36 3.03 21.87 14.05
C PRO A 36 2.27 22.18 12.75
N ASP A 37 2.90 22.11 11.60
CA ASP A 37 2.24 22.32 10.34
C ASP A 37 1.24 21.21 10.04
N TYR A 38 1.59 19.95 10.29
CA TYR A 38 0.61 18.87 10.18
C TYR A 38 -0.54 19.11 11.16
N GLN A 39 -0.24 19.39 12.41
CA GLN A 39 -1.27 19.51 13.42
C GLN A 39 -2.31 20.57 13.05
N LYS A 40 -1.83 21.73 12.62
CA LYS A 40 -2.76 22.83 12.36
C LYS A 40 -3.48 22.65 11.04
N SER A 41 -3.06 21.71 10.19
CA SER A 41 -3.73 21.39 8.92
C SER A 41 -5.00 20.56 9.13
N ARG A 42 -5.23 20.01 10.30
CA ARG A 42 -6.38 19.16 10.57
C ARG A 42 -7.16 19.72 11.73
N THR A 43 -8.50 19.81 11.60
CA THR A 43 -9.32 20.14 12.75
C THR A 43 -9.53 18.86 13.54
N ASP A 44 -9.98 18.99 14.81
CA ASP A 44 -10.30 17.76 15.55
C ASP A 44 -11.38 16.94 14.82
N ALA A 45 -12.38 17.62 14.26
CA ALA A 45 -13.47 16.94 13.53
C ALA A 45 -12.90 16.18 12.32
N GLN A 46 -11.92 16.76 11.61
CA GLN A 46 -11.30 16.05 10.50
C GLN A 46 -10.55 14.80 10.93
N MET A 47 -9.79 14.90 12.03
CA MET A 47 -9.15 13.70 12.60
CA MET A 47 -9.08 13.71 12.54
C MET A 47 -10.15 12.63 12.92
N LYS A 48 -11.24 13.04 13.56
CA LYS A 48 -12.26 12.08 13.97
C LYS A 48 -12.93 11.43 12.76
N GLU A 49 -13.14 12.21 11.71
CA GLU A 49 -13.70 11.68 10.44
C GLU A 49 -12.79 10.58 9.90
N SER A 50 -11.49 10.84 9.83
CA SER A 50 -10.58 9.81 9.32
C SER A 50 -10.61 8.57 10.19
N MET A 51 -10.55 8.76 11.49
CA MET A 51 -10.52 7.62 12.41
CA MET A 51 -10.54 7.63 12.45
C MET A 51 -11.83 6.81 12.42
N THR A 52 -12.96 7.48 12.17
CA THR A 52 -14.26 6.84 12.23
CA THR A 52 -14.28 6.84 12.24
C THR A 52 -14.66 6.21 10.89
N ASN A 53 -14.32 6.88 9.80
CA ASN A 53 -14.79 6.47 8.47
C ASN A 53 -13.71 5.85 7.64
N GLY A 54 -12.45 5.97 8.03
CA GLY A 54 -11.35 5.67 7.13
C GLY A 54 -11.14 6.81 6.17
N THR A 55 -10.15 6.68 5.32
CA THR A 55 -9.80 7.72 4.34
C THR A 55 -9.74 7.04 2.96
N LYS A 56 -9.37 7.81 1.94
CA LYS A 56 -9.09 7.22 0.63
C LYS A 56 -7.86 6.35 0.59
N ASN A 57 -7.00 6.46 1.59
CA ASN A 57 -5.73 5.78 1.60
C ASN A 57 -5.88 4.34 2.08
N PRO A 58 -5.54 3.34 1.26
CA PRO A 58 -5.79 1.94 1.65
C PRO A 58 -4.87 1.47 2.77
N ASN A 59 -3.83 2.24 3.09
CA ASN A 59 -2.89 1.93 4.14
CA ASN A 59 -2.93 1.83 4.16
C ASN A 59 -3.42 2.29 5.54
N VAL A 61 -6.20 1.82 8.44
CA VAL A 61 -7.28 1.02 8.99
C VAL A 61 -8.09 1.88 9.97
N LYS A 62 -9.38 2.03 9.73
CA LYS A 62 -10.21 2.84 10.63
C LYS A 62 -10.24 2.22 12.03
N LEU A 63 -10.39 3.04 13.03
CA LEU A 63 -10.08 2.59 14.38
CA LEU A 63 -10.14 2.60 14.40
C LEU A 63 -11.10 1.53 14.87
N SER A 64 -12.34 1.51 14.38
CA SER A 64 -13.24 0.45 14.79
C SER A 64 -12.73 -0.90 14.25
N ASP A 65 -12.07 -0.92 13.10
CA ASP A 65 -11.48 -2.15 12.59
C ASP A 65 -10.31 -2.61 13.43
N LEU A 66 -9.63 -1.70 14.12
CA LEU A 66 -8.60 -2.02 15.12
C LEU A 66 -9.20 -2.48 16.44
N GLY A 67 -10.51 -2.40 16.59
CA GLY A 67 -11.21 -2.88 17.79
C GLY A 67 -11.21 -1.89 18.91
N VAL A 68 -10.88 -0.62 18.66
CA VAL A 68 -10.76 0.39 19.70
C VAL A 68 -12.15 0.83 20.18
N ASP A 69 -12.33 0.87 21.49
CA ASP A 69 -13.59 1.38 22.08
C ASP A 69 -13.89 2.77 21.49
N LEU A 70 -15.10 2.99 21.00
CA LEU A 70 -15.43 4.25 20.37
C LEU A 70 -15.37 5.40 21.36
N ALA A 71 -15.53 5.11 22.64
CA ALA A 71 -15.44 6.13 23.68
C ALA A 71 -14.02 6.65 23.85
N ASP A 72 -13.04 5.92 23.32
CA ASP A 72 -11.63 6.33 23.35
C ASP A 72 -11.26 7.32 22.25
N LEU A 73 -12.14 7.57 21.28
CA LEU A 73 -11.77 8.43 20.17
CA LEU A 73 -11.78 8.43 20.18
C LEU A 73 -11.37 9.84 20.59
N ASP A 74 -12.18 10.50 21.38
CA ASP A 74 -11.90 11.88 21.78
C ASP A 74 -10.57 11.96 22.57
N PRO A 75 -10.38 11.06 23.58
CA PRO A 75 -9.10 11.11 24.29
C PRO A 75 -7.91 10.72 23.40
N LEU A 76 -8.11 9.85 22.43
CA LEU A 76 -7.03 9.54 21.50
C LEU A 76 -6.65 10.72 20.63
N VAL A 77 -7.63 11.49 20.17
CA VAL A 77 -7.34 12.72 19.45
C VAL A 77 -6.52 13.65 20.34
N GLN A 78 -6.92 13.81 21.58
CA GLN A 78 -6.15 14.66 22.48
C GLN A 78 -4.72 14.17 22.71
N LEU A 79 -4.54 12.84 22.79
CA LEU A 79 -3.19 12.27 22.90
C LEU A 79 -2.35 12.57 21.63
N VAL A 80 -2.93 12.41 20.46
CA VAL A 80 -2.27 12.75 19.21
C VAL A 80 -1.88 14.23 19.21
N ARG A 81 -2.78 15.11 19.66
CA ARG A 81 -2.46 16.54 19.77
C ARG A 81 -1.28 16.77 20.71
N GLY A 82 -1.14 15.89 21.68
CA GLY A 82 -0.08 16.01 22.67
C GLY A 82 1.33 15.92 22.09
N PHE A 83 1.49 15.33 20.92
CA PHE A 83 2.79 15.29 20.25
C PHE A 83 3.19 16.59 19.62
N ASN A 84 2.25 17.53 19.49
CA ASN A 84 2.48 18.78 18.78
C ASN A 84 3.69 19.53 19.33
N GLY A 85 4.67 19.80 18.48
CA GLY A 85 5.83 20.60 18.88
C GLY A 85 6.93 19.83 19.59
N LYS A 86 6.74 18.53 19.83
CA LYS A 86 7.76 17.74 20.55
C LYS A 86 8.91 17.32 19.64
N GLY B 1 5.06 14.25 -28.05
CA GLY B 1 5.48 14.20 -26.63
C GLY B 1 5.15 15.46 -25.83
N ASP B 2 3.95 16.02 -26.03
CA ASP B 2 3.52 17.20 -25.28
C ASP B 2 2.85 16.80 -23.94
N ILE B 3 2.44 17.78 -23.15
CA ILE B 3 1.92 17.55 -21.80
C ILE B 3 0.65 16.72 -21.81
N GLN B 4 -0.25 16.95 -22.76
CA GLN B 4 -1.48 16.22 -22.83
C GLN B 4 -1.19 14.74 -23.18
N LYS B 5 -0.19 14.49 -24.01
CA LYS B 5 0.21 13.15 -24.32
C LYS B 5 0.80 12.46 -23.09
N THR B 6 1.63 13.18 -22.35
CA THR B 6 2.14 12.67 -21.10
C THR B 6 1.00 12.27 -20.16
N TYR B 7 -0.03 13.11 -20.04
CA TYR B 7 -1.12 12.79 -19.16
C TYR B 7 -1.79 11.50 -19.61
N LYS B 8 -2.08 11.41 -20.91
CA LYS B 8 -2.70 10.24 -21.47
C LYS B 8 -1.86 8.98 -21.21
N ASP B 9 -0.57 9.07 -21.48
CA ASP B 9 0.30 7.89 -21.47
C ASP B 9 0.74 7.44 -20.08
N THR B 10 0.76 8.42 -19.13
N THR B 10 0.66 8.32 -19.09
CA THR B 10 1.45 8.32 -17.82
CA THR B 10 1.13 7.94 -17.78
C THR B 10 0.56 8.55 -16.58
C THR B 10 0.03 8.12 -16.74
N CYS B 11 -0.56 9.28 -16.69
CA CYS B 11 -1.42 9.63 -15.52
C CYS B 11 -2.80 9.04 -15.57
N GLU B 12 -3.38 8.96 -16.76
CA GLU B 12 -4.74 8.54 -16.92
C GLU B 12 -5.06 7.17 -16.33
N LEU B 13 -4.10 6.28 -16.34
CA LEU B 13 -4.36 4.94 -15.82
CA LEU B 13 -4.28 4.93 -15.81
C LEU B 13 -4.90 4.98 -14.39
N CYS B 14 -4.37 5.90 -13.58
CA CYS B 14 -4.83 6.12 -12.21
C CYS B 14 -5.82 7.26 -12.02
N HIS B 15 -5.62 8.37 -12.71
CA HIS B 15 -6.42 9.57 -12.50
C HIS B 15 -7.61 9.70 -13.44
N GLY B 16 -7.66 8.87 -14.49
CA GLY B 16 -8.79 8.89 -15.43
C GLY B 16 -8.64 9.96 -16.47
N ALA B 17 -9.27 9.73 -17.63
CA ALA B 17 -9.24 10.76 -18.68
C ALA B 17 -9.96 12.04 -18.23
N ASP B 18 -10.95 11.87 -17.36
CA ASP B 18 -11.67 12.99 -16.78
C ASP B 18 -11.16 13.53 -15.45
N GLY B 19 -10.08 12.98 -14.90
CA GLY B 19 -9.50 13.44 -13.66
C GLY B 19 -10.20 12.95 -12.41
N LYS B 20 -11.28 12.18 -12.56
CA LYS B 20 -12.07 11.76 -11.38
C LYS B 20 -11.47 10.57 -10.66
N GLY B 21 -10.51 9.89 -11.28
CA GLY B 21 -9.90 8.68 -10.73
C GLY B 21 -10.48 7.48 -11.48
N SER B 22 -9.64 6.58 -11.94
CA SER B 22 -10.07 5.29 -12.45
C SER B 22 -10.41 4.37 -11.27
N GLU B 23 -11.00 3.20 -11.54
CA GLU B 23 -11.29 2.27 -10.47
C GLU B 23 -10.01 1.85 -9.76
N ALA B 24 -8.96 1.61 -10.53
CA ALA B 24 -7.65 1.28 -9.94
C ALA B 24 -7.10 2.44 -9.12
N GLY B 25 -7.14 3.64 -9.66
CA GLY B 25 -6.68 4.80 -8.96
C GLY B 25 -7.42 5.03 -7.66
N LYS B 26 -8.72 4.82 -7.68
CA LYS B 26 -9.51 4.94 -6.48
C LYS B 26 -9.07 3.98 -5.40
N GLN B 27 -8.75 2.73 -5.75
CA GLN B 27 -8.19 1.80 -4.78
C GLN B 27 -6.88 2.30 -4.19
N PHE B 28 -5.99 2.85 -5.02
CA PHE B 28 -4.72 3.37 -4.55
C PHE B 28 -4.87 4.65 -3.73
N GLY B 29 -5.99 5.36 -3.88
CA GLY B 29 -6.30 6.55 -3.10
C GLY B 29 -6.21 7.87 -3.82
N VAL B 30 -6.40 7.90 -5.15
CA VAL B 30 -6.30 9.17 -5.85
C VAL B 30 -7.38 10.15 -5.40
N PRO B 31 -7.09 11.45 -5.41
CA PRO B 31 -8.15 12.43 -5.21
C PRO B 31 -9.00 12.54 -6.48
N ASP B 32 -10.10 13.27 -6.37
CA ASP B 32 -10.95 13.62 -7.52
C ASP B 32 -10.59 15.03 -7.95
N PHE B 33 -9.89 15.14 -9.06
CA PHE B 33 -9.46 16.44 -9.57
C PHE B 33 -10.63 17.31 -9.98
N THR B 34 -11.79 16.71 -10.27
CA THR B 34 -12.96 17.53 -10.60
C THR B 34 -13.65 18.13 -9.38
N SER B 35 -13.29 17.69 -8.16
CA SER B 35 -13.98 18.17 -6.95
C SER B 35 -13.54 19.58 -6.60
N PRO B 36 -14.50 20.52 -6.53
CA PRO B 36 -14.07 21.86 -6.12
C PRO B 36 -13.46 21.91 -4.72
N ASP B 37 -13.90 21.03 -3.82
CA ASP B 37 -13.32 20.95 -2.48
C ASP B 37 -11.88 20.45 -2.51
N TYR B 38 -11.58 19.48 -3.36
CA TYR B 38 -10.21 19.08 -3.56
C TYR B 38 -9.40 20.28 -4.10
N GLN B 39 -9.91 20.92 -5.15
CA GLN B 39 -9.16 22.02 -5.79
C GLN B 39 -8.85 23.20 -4.85
N LYS B 40 -9.85 23.58 -4.04
CA LYS B 40 -9.66 24.69 -3.09
C LYS B 40 -8.75 24.34 -1.91
N SER B 41 -8.63 23.06 -1.60
CA SER B 41 -7.78 22.57 -0.50
C SER B 41 -6.26 22.56 -0.79
N ARG B 42 -5.87 22.77 -2.05
CA ARG B 42 -4.47 22.68 -2.45
C ARG B 42 -4.05 23.98 -3.13
N THR B 43 -2.90 24.54 -2.76
CA THR B 43 -2.32 25.61 -3.55
C THR B 43 -1.53 25.01 -4.72
N ASP B 44 -1.21 25.80 -5.75
CA ASP B 44 -0.34 25.31 -6.82
C ASP B 44 0.98 24.79 -6.26
N ALA B 45 1.52 25.49 -5.27
CA ALA B 45 2.77 25.08 -4.64
C ALA B 45 2.71 23.73 -3.94
N GLN B 46 1.61 23.47 -3.24
CA GLN B 46 1.39 22.18 -2.59
C GLN B 46 1.31 21.05 -3.62
N MET B 47 0.55 21.25 -4.68
CA MET B 47 0.43 20.25 -5.74
CA MET B 47 0.45 20.26 -5.72
C MET B 47 1.81 19.99 -6.36
N LYS B 48 2.53 21.05 -6.66
CA LYS B 48 3.82 20.88 -7.29
CA LYS B 48 3.86 20.96 -7.27
C LYS B 48 4.81 20.18 -6.38
N GLU B 49 4.79 20.49 -5.10
CA GLU B 49 5.65 19.79 -4.15
C GLU B 49 5.36 18.29 -4.11
N SER B 50 4.08 17.90 -4.10
CA SER B 50 3.77 16.47 -4.13
C SER B 50 4.33 15.80 -5.39
N MET B 51 4.17 16.47 -6.52
CA MET B 51 4.60 15.89 -7.79
CA MET B 51 4.61 15.94 -7.84
C MET B 51 6.12 15.80 -7.88
N THR B 52 6.82 16.74 -7.24
CA THR B 52 8.27 16.76 -7.25
C THR B 52 8.87 15.70 -6.37
N ASN B 53 8.39 15.60 -5.14
CA ASN B 53 9.08 14.81 -4.13
C ASN B 53 8.28 13.63 -3.65
N GLY B 54 7.07 13.47 -4.17
CA GLY B 54 6.16 12.52 -3.64
C GLY B 54 5.77 13.10 -2.29
N THR B 55 5.19 12.25 -1.54
CA THR B 55 4.71 12.58 -0.24
C THR B 55 5.22 11.47 0.69
N LYS B 56 4.73 11.46 1.91
CA LYS B 56 5.01 10.32 2.79
C LYS B 56 4.28 9.04 2.36
N ASN B 57 3.27 9.14 1.51
CA ASN B 57 2.42 8.04 1.11
C ASN B 57 3.10 7.10 0.08
N PRO B 58 3.32 5.82 0.42
CA PRO B 58 3.97 4.88 -0.53
C PRO B 58 3.14 4.55 -1.76
N ASN B 59 1.84 4.86 -1.74
CA ASN B 59 0.99 4.61 -2.90
CA ASN B 59 0.95 4.61 -2.87
C ASN B 59 1.16 5.68 -3.98
N VAL B 61 3.90 7.51 -6.22
CA VAL B 61 5.29 7.58 -6.71
C VAL B 61 5.55 8.99 -7.22
N LYS B 62 6.68 9.58 -6.82
CA LYS B 62 7.03 10.91 -7.37
C LYS B 62 7.14 10.82 -8.90
N LEU B 63 6.74 11.88 -9.57
CA LEU B 63 6.54 11.78 -10.99
C LEU B 63 7.84 11.56 -11.79
N SER B 64 9.00 11.96 -11.25
CA SER B 64 10.24 11.62 -11.92
C SER B 64 10.45 10.13 -12.04
N ASP B 65 9.90 9.35 -11.12
CA ASP B 65 10.02 7.90 -11.21
C ASP B 65 9.19 7.36 -12.37
N LEU B 66 8.18 8.12 -12.84
CA LEU B 66 7.42 7.75 -14.03
C LEU B 66 8.02 8.29 -15.30
N GLY B 67 9.18 8.97 -15.21
CA GLY B 67 9.86 9.54 -16.37
C GLY B 67 9.46 10.96 -16.68
N VAL B 68 8.77 11.64 -15.76
CA VAL B 68 8.33 13.00 -15.95
C VAL B 68 9.37 13.94 -15.33
N ASP B 69 9.89 14.88 -16.11
CA ASP B 69 10.91 15.79 -15.59
C ASP B 69 10.35 17.04 -14.94
N LEU B 70 11.20 17.80 -14.25
CA LEU B 70 10.74 18.95 -13.52
C LEU B 70 10.05 19.97 -14.42
N ALA B 71 10.50 20.10 -15.67
CA ALA B 71 9.94 21.10 -16.59
C ALA B 71 8.48 20.88 -16.86
N ASP B 72 8.02 19.62 -16.73
CA ASP B 72 6.64 19.29 -17.05
C ASP B 72 5.68 19.58 -15.88
N LEU B 73 6.20 19.87 -14.70
CA LEU B 73 5.34 19.99 -13.52
C LEU B 73 4.48 21.21 -13.50
N ASP B 74 5.02 22.39 -13.78
CA ASP B 74 4.16 23.56 -13.74
C ASP B 74 3.02 23.47 -14.81
N PRO B 75 3.35 23.00 -16.02
CA PRO B 75 2.25 22.77 -16.97
C PRO B 75 1.25 21.73 -16.47
N LEU B 76 1.73 20.62 -15.89
CA LEU B 76 0.79 19.60 -15.38
C LEU B 76 -0.10 20.13 -14.27
N VAL B 77 0.40 21.01 -13.40
CA VAL B 77 -0.45 21.67 -12.39
C VAL B 77 -1.62 22.35 -13.10
N GLN B 78 -1.36 23.09 -14.17
CA GLN B 78 -2.44 23.74 -14.89
C GLN B 78 -3.37 22.77 -15.57
N LEU B 79 -2.87 21.63 -16.05
CA LEU B 79 -3.75 20.63 -16.62
C LEU B 79 -4.70 20.08 -15.51
N VAL B 80 -4.13 19.82 -14.32
CA VAL B 80 -4.94 19.36 -13.19
C VAL B 80 -5.96 20.41 -12.76
N ARG B 81 -5.57 21.68 -12.74
CA ARG B 81 -6.51 22.76 -12.42
C ARG B 81 -7.66 22.80 -13.40
N GLY B 82 -7.41 22.45 -14.65
CA GLY B 82 -8.43 22.46 -15.71
C GLY B 82 -9.58 21.53 -15.46
N PHE B 83 -9.37 20.47 -14.66
CA PHE B 83 -10.44 19.55 -14.30
C PHE B 83 -11.49 20.16 -13.34
N ASN B 84 -11.17 21.25 -12.67
CA ASN B 84 -12.04 21.83 -11.61
C ASN B 84 -13.46 22.02 -12.11
N GLY B 85 -14.39 21.37 -11.40
CA GLY B 85 -15.81 21.57 -11.60
C GLY B 85 -16.41 20.82 -12.77
N LYS B 86 -15.66 19.88 -13.35
CA LYS B 86 -16.13 19.10 -14.51
C LYS B 86 -16.69 17.73 -14.15
N GLY C 1 10.59 -10.65 27.75
CA GLY C 1 9.33 -11.22 27.20
C GLY C 1 9.53 -12.47 26.33
N ASP C 2 8.69 -13.48 26.57
CA ASP C 2 8.80 -14.72 25.83
C ASP C 2 8.23 -14.56 24.40
N ILE C 3 8.34 -15.62 23.61
CA ILE C 3 7.97 -15.62 22.21
C ILE C 3 6.48 -15.32 22.07
N GLN C 4 5.66 -15.94 22.90
CA GLN C 4 4.22 -15.70 22.82
C GLN C 4 3.90 -14.21 23.14
N LYS C 5 4.65 -13.60 24.06
CA LYS C 5 4.44 -12.21 24.40
C LYS C 5 4.82 -11.29 23.21
N THR C 6 5.93 -11.62 22.56
CA THR C 6 6.32 -10.91 21.33
C THR C 6 5.24 -11.00 20.27
N TYR C 7 4.68 -12.19 20.08
CA TYR C 7 3.58 -12.34 19.12
C TYR C 7 2.39 -11.46 19.51
N LYS C 8 1.98 -11.52 20.77
CA LYS C 8 0.85 -10.73 21.22
C LYS C 8 1.13 -9.24 21.02
N ASP C 9 2.30 -8.79 21.40
CA ASP C 9 2.62 -7.36 21.40
C ASP C 9 2.93 -6.75 20.05
N THR C 10 3.40 -7.55 19.08
N THR C 10 3.47 -7.56 19.13
CA THR C 10 3.95 -7.05 17.83
CA THR C 10 3.95 -7.10 17.87
C THR C 10 3.51 -7.73 16.52
C THR C 10 2.99 -7.58 16.74
N CYS C 11 2.85 -8.89 16.61
CA CYS C 11 2.34 -9.55 15.43
C CYS C 11 0.84 -9.66 15.37
N GLU C 12 0.19 -9.83 16.52
CA GLU C 12 -1.25 -10.08 16.55
C GLU C 12 -2.05 -8.94 15.97
N LEU C 13 -1.53 -7.71 16.02
CA LEU C 13 -2.23 -6.56 15.43
C LEU C 13 -2.69 -6.88 14.02
N CYS C 14 -1.82 -7.53 13.23
CA CYS C 14 -2.14 -7.88 11.84
C CYS C 14 -2.51 -9.34 11.65
N HIS C 15 -1.86 -10.27 12.37
CA HIS C 15 -2.05 -11.69 12.14
C HIS C 15 -3.15 -12.33 12.95
N GLY C 16 -3.62 -11.63 13.97
CA GLY C 16 -4.74 -12.12 14.84
C GLY C 16 -4.27 -13.08 15.87
N ALA C 17 -5.05 -13.18 16.96
CA ALA C 17 -4.72 -14.17 17.98
C ALA C 17 -4.87 -15.60 17.44
N ASP C 18 -5.72 -15.78 16.43
CA ASP C 18 -5.92 -17.10 15.79
C ASP C 18 -5.08 -17.36 14.54
N GLY C 19 -4.26 -16.38 14.16
CA GLY C 19 -3.39 -16.53 13.00
C GLY C 19 -4.09 -16.36 11.66
N LYS C 20 -5.39 -16.09 11.67
CA LYS C 20 -6.18 -16.00 10.44
C LYS C 20 -6.11 -14.61 9.80
N GLY C 21 -5.55 -13.66 10.53
CA GLY C 21 -5.54 -12.27 10.13
C GLY C 21 -6.61 -11.48 10.83
N SER C 22 -6.24 -10.35 11.42
CA SER C 22 -7.22 -9.42 11.95
C SER C 22 -7.84 -8.66 10.79
N GLU C 23 -8.81 -7.79 11.09
CA GLU C 23 -9.35 -6.94 10.04
C GLU C 23 -8.27 -6.06 9.42
N ALA C 24 -7.39 -5.51 10.26
CA ALA C 24 -6.27 -4.72 9.75
C ALA C 24 -5.38 -5.56 8.86
N GLY C 25 -5.02 -6.76 9.32
CA GLY C 25 -4.18 -7.62 8.51
C GLY C 25 -4.79 -8.00 7.20
N LYS C 26 -6.09 -8.26 7.19
CA LYS C 26 -6.77 -8.55 5.94
C LYS C 26 -6.72 -7.35 4.99
N GLN C 27 -6.82 -6.14 5.54
CA GLN C 27 -6.75 -4.95 4.68
C GLN C 27 -5.36 -4.89 4.05
N PHE C 28 -4.31 -5.30 4.78
CA PHE C 28 -2.96 -5.26 4.26
CA PHE C 28 -2.93 -5.25 4.28
C PHE C 28 -2.53 -6.46 3.41
N GLY C 29 -3.32 -7.54 3.47
CA GLY C 29 -3.07 -8.77 2.70
C GLY C 29 -2.28 -9.85 3.40
N VAL C 30 -2.49 -10.02 4.71
CA VAL C 30 -1.78 -11.09 5.41
C VAL C 30 -2.22 -12.47 4.90
N PRO C 31 -1.33 -13.47 4.94
CA PRO C 31 -1.75 -14.86 4.73
C PRO C 31 -2.60 -15.34 5.86
N ASP C 32 -3.27 -16.47 5.65
CA ASP C 32 -4.02 -17.13 6.71
C ASP C 32 -3.13 -18.26 7.19
N PHE C 33 -2.52 -18.09 8.36
CA PHE C 33 -1.63 -19.10 8.93
C PHE C 33 -2.32 -20.42 9.25
N THR C 34 -3.66 -20.41 9.34
CA THR C 34 -4.38 -21.67 9.57
C THR C 34 -4.59 -22.48 8.29
N SER C 35 -4.31 -21.90 7.14
CA SER C 35 -4.53 -22.56 5.84
C SER C 35 -3.44 -23.60 5.59
N PRO C 36 -3.81 -24.89 5.42
CA PRO C 36 -2.79 -25.88 5.09
C PRO C 36 -2.11 -25.58 3.75
N ASP C 37 -2.85 -25.00 2.80
CA ASP C 37 -2.25 -24.61 1.53
C ASP C 37 -1.18 -23.51 1.68
N TYR C 38 -1.43 -22.49 2.52
CA TYR C 38 -0.39 -21.51 2.88
C TYR C 38 0.82 -22.25 3.52
N GLN C 39 0.54 -23.07 4.54
CA GLN C 39 1.62 -23.74 5.28
C GLN C 39 2.52 -24.61 4.37
N LYS C 40 1.91 -25.31 3.42
CA LYS C 40 2.67 -26.15 2.48
C LYS C 40 3.48 -25.40 1.40
N SER C 41 3.18 -24.11 1.20
CA SER C 41 3.83 -23.31 0.15
C SER C 41 5.15 -22.72 0.57
N ARG C 42 5.53 -22.89 1.84
CA ARG C 42 6.73 -22.28 2.40
C ARG C 42 7.51 -23.32 3.16
N THR C 43 8.82 -23.43 2.92
CA THR C 43 9.68 -24.12 3.88
C THR C 43 9.97 -23.19 5.06
N ASP C 44 10.47 -23.79 6.13
CA ASP C 44 10.87 -22.98 7.30
C ASP C 44 11.92 -21.93 6.87
N ALA C 45 12.88 -22.31 6.02
CA ALA C 45 13.93 -21.38 5.59
C ALA C 45 13.36 -20.23 4.77
N GLN C 46 12.39 -20.54 3.92
CA GLN C 46 11.74 -19.50 3.12
C GLN C 46 10.97 -18.50 4.00
N MET C 47 10.24 -19.03 4.98
CA MET C 47 9.49 -18.21 5.91
CA MET C 47 9.50 -18.21 5.94
C MET C 47 10.47 -17.28 6.65
N LYS C 48 11.59 -17.81 7.13
CA LYS C 48 12.60 -16.97 7.78
C LYS C 48 13.21 -15.93 6.89
N GLU C 49 13.47 -16.29 5.64
CA GLU C 49 14.05 -15.33 4.75
C GLU C 49 13.09 -14.12 4.58
N SER C 50 11.79 -14.39 4.43
CA SER C 50 10.81 -13.30 4.33
C SER C 50 10.76 -12.48 5.61
N MET C 51 10.74 -13.14 6.76
CA MET C 51 10.73 -12.42 8.03
CA MET C 51 10.73 -12.42 8.03
C MET C 51 11.99 -11.61 8.21
N THR C 52 13.12 -12.12 7.70
CA THR C 52 14.38 -11.44 7.87
C THR C 52 14.59 -10.26 6.93
N ASN C 53 14.25 -10.47 5.66
CA ASN C 53 14.58 -9.47 4.64
C ASN C 53 13.40 -8.85 3.92
N GLY C 54 12.19 -9.23 4.33
CA GLY C 54 10.99 -8.74 3.66
C GLY C 54 10.83 -9.47 2.34
N THR C 55 9.88 -8.98 1.57
CA THR C 55 9.55 -9.55 0.26
C THR C 55 9.50 -8.38 -0.73
N LYS C 56 9.02 -8.63 -1.94
CA LYS C 56 8.77 -7.53 -2.90
C LYS C 56 7.60 -6.69 -2.50
N ASN C 57 6.77 -7.19 -1.60
CA ASN C 57 5.52 -6.56 -1.22
C ASN C 57 5.76 -5.44 -0.21
N PRO C 58 5.45 -4.19 -0.54
CA PRO C 58 5.71 -3.05 0.37
C PRO C 58 4.80 -3.04 1.59
N ASN C 59 3.80 -3.90 1.66
CA ASN C 59 2.95 -3.91 2.84
CA ASN C 59 2.93 -3.98 2.80
C ASN C 59 3.53 -4.76 3.97
N VAL C 61 6.55 -5.37 6.59
CA VAL C 61 7.73 -4.78 7.27
C VAL C 61 8.56 -5.92 7.87
N LYS C 62 9.82 -6.00 7.47
CA LYS C 62 10.67 -7.06 7.97
C LYS C 62 10.84 -6.92 9.49
N LEU C 63 11.08 -8.05 10.14
CA LEU C 63 11.10 -8.15 11.60
CA LEU C 63 10.97 -8.07 11.57
C LEU C 63 12.06 -7.21 12.28
N SER C 64 13.26 -7.05 11.72
CA SER C 64 14.23 -6.16 12.35
CA SER C 64 14.24 -6.12 12.30
C SER C 64 13.70 -4.71 12.34
N ASP C 65 12.91 -4.34 11.34
CA ASP C 65 12.29 -3.01 11.32
C ASP C 65 11.19 -2.86 12.35
N LEU C 66 10.58 -3.95 12.84
CA LEU C 66 9.64 -3.93 13.96
C LEU C 66 10.37 -3.96 15.30
N GLY C 67 11.70 -4.07 15.26
CA GLY C 67 12.52 -4.11 16.47
C GLY C 67 12.67 -5.48 17.10
N VAL C 68 12.28 -6.55 16.39
CA VAL C 68 12.34 -7.91 16.91
C VAL C 68 13.78 -8.42 16.85
N ASP C 69 14.20 -9.08 17.91
CA ASP C 69 15.51 -9.74 17.98
C ASP C 69 15.49 -10.95 17.07
N LEU C 70 16.40 -11.04 16.11
CA LEU C 70 16.44 -12.15 15.17
C LEU C 70 16.82 -13.47 15.78
N ALA C 71 17.31 -13.45 17.03
CA ALA C 71 17.41 -14.70 17.81
C ALA C 71 16.06 -15.40 17.91
N ASP C 72 14.96 -14.66 17.80
CA ASP C 72 13.59 -15.17 17.92
CA ASP C 72 13.65 -15.26 17.96
C ASP C 72 13.09 -15.88 16.68
N LEU C 73 13.87 -15.90 15.58
CA LEU C 73 13.35 -16.40 14.29
C LEU C 73 12.83 -17.84 14.35
N ASP C 74 13.68 -18.80 14.76
CA ASP C 74 13.25 -20.20 14.69
C ASP C 74 12.05 -20.47 15.62
N PRO C 75 12.04 -19.92 16.85
CA PRO C 75 10.81 -20.11 17.68
C PRO C 75 9.58 -19.46 17.07
N LEU C 76 9.71 -18.29 16.45
CA LEU C 76 8.56 -17.64 15.81
C LEU C 76 8.05 -18.47 14.66
N VAL C 77 8.94 -19.08 13.87
CA VAL C 77 8.50 -19.99 12.81
C VAL C 77 7.62 -21.09 13.40
N GLN C 78 8.03 -21.67 14.53
CA GLN C 78 7.24 -22.77 15.13
C GLN C 78 5.91 -22.28 15.69
N LEU C 79 5.86 -21.07 16.23
CA LEU C 79 4.57 -20.48 16.59
C LEU C 79 3.66 -20.37 15.38
N VAL C 80 4.19 -19.87 14.26
CA VAL C 80 3.37 -19.75 13.03
C VAL C 80 2.94 -21.14 12.54
N ARG C 81 3.84 -22.12 12.58
CA ARG C 81 3.51 -23.51 12.18
C ARG C 81 2.35 -24.04 13.04
N GLY C 82 2.32 -23.68 14.32
CA GLY C 82 1.30 -24.14 15.27
C GLY C 82 -0.11 -23.81 14.89
N PHE C 83 -0.30 -22.77 14.08
CA PHE C 83 -1.64 -22.41 13.62
C PHE C 83 -2.21 -23.37 12.56
N ASN C 84 -1.39 -24.18 11.90
CA ASN C 84 -1.87 -25.03 10.77
C ASN C 84 -3.13 -25.83 11.11
N GLY C 85 -4.14 -25.68 10.26
CA GLY C 85 -5.38 -26.47 10.33
C GLY C 85 -6.31 -25.99 11.43
N GLY D 1 -0.61 -6.06 -32.41
CA GLY D 1 -2.07 -5.76 -32.50
C GLY D 1 -2.70 -5.36 -31.19
N ASP D 2 -3.97 -5.74 -31.02
CA ASP D 2 -4.81 -5.31 -29.92
C ASP D 2 -4.30 -5.70 -28.51
N ILE D 3 -3.83 -6.94 -28.38
CA ILE D 3 -3.33 -7.40 -27.06
C ILE D 3 -2.02 -6.69 -26.69
N GLN D 4 -1.10 -6.56 -27.66
CA GLN D 4 0.13 -5.81 -27.43
CA GLN D 4 0.12 -5.80 -27.45
C GLN D 4 -0.17 -4.34 -27.11
N LYS D 5 -1.14 -3.74 -27.77
CA LYS D 5 -1.53 -2.37 -27.48
C LYS D 5 -2.11 -2.22 -26.08
N THR D 6 -2.96 -3.18 -25.66
CA THR D 6 -3.45 -3.22 -24.30
C THR D 6 -2.27 -3.26 -23.31
N TYR D 7 -1.29 -4.13 -23.56
CA TYR D 7 -0.12 -4.18 -22.66
C TYR D 7 0.58 -2.84 -22.60
N LYS D 8 0.86 -2.23 -23.74
CA LYS D 8 1.50 -0.92 -23.76
C LYS D 8 0.71 0.13 -22.98
N ASP D 9 -0.59 0.16 -23.20
CA ASP D 9 -1.42 1.23 -22.67
C ASP D 9 -1.86 1.04 -21.23
N THR D 10 -1.87 -0.18 -20.74
CA THR D 10 -2.48 -0.56 -19.46
C THR D 10 -1.57 -1.32 -18.49
N CYS D 11 -0.48 -1.93 -18.97
CA CYS D 11 0.35 -2.77 -18.12
C CYS D 11 1.77 -2.25 -17.97
N GLU D 12 2.31 -1.68 -19.04
CA GLU D 12 3.71 -1.27 -19.08
C GLU D 12 4.08 -0.28 -18.00
N LEU D 13 3.14 0.57 -17.61
CA LEU D 13 3.41 1.53 -16.58
C LEU D 13 4.04 0.90 -15.33
N CYS D 14 3.54 -0.27 -14.94
CA CYS D 14 4.06 -1.02 -13.79
C CYS D 14 5.02 -2.14 -14.18
N HIS D 15 4.70 -2.88 -15.24
CA HIS D 15 5.44 -4.08 -15.59
C HIS D 15 6.62 -3.87 -16.53
N GLY D 16 6.67 -2.70 -17.17
CA GLY D 16 7.80 -2.36 -18.06
C GLY D 16 7.61 -2.90 -19.46
N ALA D 17 8.21 -2.23 -20.45
CA ALA D 17 8.17 -2.77 -21.83
C ALA D 17 8.88 -4.13 -21.90
N ASP D 18 9.85 -4.36 -21.01
CA ASP D 18 10.59 -5.62 -20.97
C ASP D 18 10.06 -6.64 -19.97
N GLY D 19 8.95 -6.34 -19.29
CA GLY D 19 8.37 -7.26 -18.34
C GLY D 19 9.07 -7.35 -17.01
N LYS D 20 10.19 -6.64 -16.81
CA LYS D 20 11.00 -6.74 -15.60
C LYS D 20 10.52 -5.87 -14.47
N GLY D 21 9.58 -4.97 -14.75
CA GLY D 21 9.08 -3.99 -13.78
C GLY D 21 9.67 -2.64 -14.03
N SER D 22 8.85 -1.61 -14.02
CA SER D 22 9.32 -0.22 -14.02
C SER D 22 9.76 0.16 -12.62
N GLU D 23 10.30 1.38 -12.48
CA GLU D 23 10.63 1.92 -11.16
CA GLU D 23 10.67 1.79 -11.11
C GLU D 23 9.40 1.93 -10.25
N ALA D 24 8.29 2.43 -10.80
CA ALA D 24 7.02 2.45 -10.08
C ALA D 24 6.54 1.05 -9.73
N GLY D 25 6.54 0.18 -10.72
CA GLY D 25 6.10 -1.20 -10.48
C GLY D 25 6.90 -1.90 -9.42
N LYS D 26 8.20 -1.70 -9.43
CA LYS D 26 9.05 -2.36 -8.42
C LYS D 26 8.68 -1.88 -7.03
N GLN D 27 8.39 -0.60 -6.88
CA GLN D 27 7.92 -0.06 -5.61
CA GLN D 27 7.91 -0.06 -5.60
C GLN D 27 6.62 -0.76 -5.17
N PHE D 28 5.68 -0.92 -6.10
CA PHE D 28 4.41 -1.57 -5.81
C PHE D 28 4.52 -3.07 -5.55
N GLY D 29 5.61 -3.69 -6.01
CA GLY D 29 5.87 -5.10 -5.78
C GLY D 29 5.70 -6.04 -6.97
N VAL D 30 5.85 -5.56 -8.19
CA VAL D 30 5.66 -6.45 -9.36
C VAL D 30 6.73 -7.53 -9.39
N PRO D 31 6.38 -8.71 -9.92
CA PRO D 31 7.38 -9.74 -10.20
C PRO D 31 8.18 -9.40 -11.43
N ASP D 32 9.20 -10.19 -11.71
CA ASP D 32 10.01 -10.05 -12.92
C ASP D 32 9.54 -11.13 -13.91
N PHE D 33 8.77 -10.72 -14.93
CA PHE D 33 8.25 -11.71 -15.86
C PHE D 33 9.35 -12.39 -16.69
N THR D 34 10.55 -11.82 -16.75
CA THR D 34 11.60 -12.51 -17.52
C THR D 34 12.24 -13.65 -16.77
N SER D 35 11.98 -13.74 -15.46
CA SER D 35 12.55 -14.80 -14.63
C SER D 35 11.92 -16.16 -14.88
N PRO D 36 12.69 -17.16 -15.35
CA PRO D 36 12.10 -18.48 -15.49
C PRO D 36 11.60 -19.04 -14.16
N ASP D 37 12.26 -18.72 -13.05
CA ASP D 37 11.82 -19.16 -11.72
C ASP D 37 10.47 -18.58 -11.33
N TYR D 38 10.25 -17.33 -11.67
CA TYR D 38 8.94 -16.75 -11.45
C TYR D 38 7.89 -17.43 -12.35
N GLN D 39 8.19 -17.54 -13.64
CA GLN D 39 7.24 -18.10 -14.60
C GLN D 39 6.77 -19.50 -14.18
N LYS D 40 7.69 -20.34 -13.77
CA LYS D 40 7.32 -21.73 -13.46
C LYS D 40 6.64 -21.86 -12.09
N SER D 41 6.58 -20.79 -11.30
CA SER D 41 5.92 -20.80 -10.02
C SER D 41 4.40 -20.63 -10.09
N ARG D 42 3.87 -20.35 -11.28
CA ARG D 42 2.43 -20.12 -11.46
C ARG D 42 1.95 -20.95 -12.63
N THR D 43 0.83 -21.68 -12.52
CA THR D 43 0.23 -22.28 -13.71
C THR D 43 -0.51 -21.20 -14.50
N ASP D 44 -0.85 -21.49 -15.77
CA ASP D 44 -1.70 -20.53 -16.51
C ASP D 44 -2.99 -20.27 -15.78
N ALA D 45 -3.59 -21.34 -15.23
CA ALA D 45 -4.86 -21.20 -14.51
C ALA D 45 -4.71 -20.31 -13.29
N GLN D 46 -3.62 -20.42 -12.56
CA GLN D 46 -3.40 -19.57 -11.42
C GLN D 46 -3.21 -18.14 -11.83
N MET D 47 -2.44 -17.90 -12.89
CA MET D 47 -2.22 -16.56 -13.34
CA MET D 47 -2.22 -16.53 -13.38
C MET D 47 -3.55 -15.91 -13.77
N LYS D 48 -4.36 -16.66 -14.54
CA LYS D 48 -5.65 -16.16 -14.98
C LYS D 48 -6.56 -15.85 -13.79
N GLU D 49 -6.55 -16.70 -12.76
CA GLU D 49 -7.36 -16.47 -11.56
CA GLU D 49 -7.41 -16.45 -11.62
C GLU D 49 -6.94 -15.18 -10.87
N SER D 50 -5.64 -14.96 -10.72
CA SER D 50 -5.17 -13.74 -10.10
C SER D 50 -5.53 -12.52 -10.92
N MET D 51 -5.45 -12.61 -12.24
CA MET D 51 -5.85 -11.48 -13.11
CA MET D 51 -5.84 -11.46 -13.06
C MET D 51 -7.35 -11.19 -12.94
N THR D 52 -8.13 -12.25 -12.80
CA THR D 52 -9.58 -12.14 -12.74
C THR D 52 -10.05 -11.54 -11.44
N ASN D 53 -9.49 -12.01 -10.33
CA ASN D 53 -10.05 -11.67 -9.00
C ASN D 53 -9.10 -10.90 -8.13
N GLY D 54 -7.89 -10.64 -8.60
CA GLY D 54 -6.82 -10.13 -7.76
C GLY D 54 -6.43 -11.22 -6.78
N THR D 55 -5.59 -10.82 -5.86
CA THR D 55 -5.06 -11.71 -4.86
C THR D 55 -5.41 -11.09 -3.50
N LYS D 56 -4.90 -11.66 -2.42
CA LYS D 56 -5.01 -11.02 -1.11
C LYS D 56 -4.26 -9.68 -1.02
N ASN D 57 -3.31 -9.47 -1.92
CA ASN D 57 -2.43 -8.33 -1.91
C ASN D 57 -3.16 -7.10 -2.45
N PRO D 58 -3.38 -6.06 -1.61
CA PRO D 58 -4.14 -4.91 -2.07
C PRO D 58 -3.42 -4.07 -3.13
N ASN D 59 -2.12 -4.29 -3.32
CA ASN D 59 -1.35 -3.60 -4.34
CA ASN D 59 -1.35 -3.58 -4.35
C ASN D 59 -1.60 -4.12 -5.78
N VAL D 61 -4.54 -4.74 -8.30
CA VAL D 61 -5.93 -4.49 -8.76
CA VAL D 61 -5.96 -4.68 -8.61
C VAL D 61 -6.31 -5.57 -9.78
N LYS D 62 -7.46 -6.21 -9.63
CA LYS D 62 -7.90 -7.12 -10.67
C LYS D 62 -7.98 -6.39 -11.99
N LEU D 63 -7.67 -7.07 -13.08
CA LEU D 63 -7.46 -6.37 -14.35
C LEU D 63 -8.74 -5.73 -14.90
N SER D 64 -9.90 -6.29 -14.57
CA SER D 64 -11.19 -5.65 -14.94
C SER D 64 -11.23 -4.21 -14.35
N ASP D 65 -10.58 -3.90 -13.22
CA ASP D 65 -10.52 -2.52 -12.67
C ASP D 65 -9.57 -1.56 -13.38
N LEU D 66 -8.77 -2.09 -14.33
CA LEU D 66 -8.02 -1.30 -15.26
C LEU D 66 -8.75 -1.19 -16.63
N GLY D 67 -9.94 -1.74 -16.73
CA GLY D 67 -10.71 -1.68 -17.95
C GLY D 67 -10.41 -2.79 -18.93
N VAL D 68 -9.69 -3.83 -18.48
CA VAL D 68 -9.37 -4.96 -19.35
C VAL D 68 -10.57 -5.90 -19.46
N ASP D 69 -10.89 -6.25 -20.67
CA ASP D 69 -11.97 -7.23 -21.01
C ASP D 69 -11.53 -8.60 -20.50
N LEU D 70 -12.36 -9.27 -19.72
CA LEU D 70 -12.02 -10.61 -19.23
C LEU D 70 -11.79 -11.61 -20.37
N ALA D 71 -12.39 -11.37 -21.54
CA ALA D 71 -12.14 -12.23 -22.67
C ALA D 71 -10.70 -12.21 -23.14
N ASP D 72 -9.97 -11.14 -22.79
CA ASP D 72 -8.58 -10.97 -23.21
C ASP D 72 -7.57 -11.64 -22.26
N LEU D 73 -8.03 -12.29 -21.19
CA LEU D 73 -7.06 -12.84 -20.22
C LEU D 73 -6.20 -13.95 -20.78
N ASP D 74 -6.74 -14.87 -21.57
CA ASP D 74 -5.91 -15.96 -22.10
C ASP D 74 -4.77 -15.41 -22.95
N PRO D 75 -5.07 -14.46 -23.89
CA PRO D 75 -3.96 -13.93 -24.65
C PRO D 75 -3.00 -13.10 -23.83
N LEU D 76 -3.48 -12.40 -22.81
CA LEU D 76 -2.55 -11.65 -21.96
C LEU D 76 -1.66 -12.60 -21.13
N VAL D 77 -2.18 -13.72 -20.67
CA VAL D 77 -1.30 -14.72 -20.03
C VAL D 77 -0.21 -15.14 -21.01
N GLN D 78 -0.57 -15.41 -22.25
CA GLN D 78 0.44 -15.82 -23.23
C GLN D 78 1.46 -14.71 -23.47
N LEU D 79 1.03 -13.45 -23.49
CA LEU D 79 1.98 -12.33 -23.65
C LEU D 79 2.92 -12.27 -22.46
N VAL D 80 2.39 -12.46 -21.25
CA VAL D 80 3.25 -12.46 -20.06
C VAL D 80 4.25 -13.62 -20.13
N ARG D 81 3.81 -14.79 -20.60
CA ARG D 81 4.71 -15.92 -20.76
C ARG D 81 5.79 -15.62 -21.79
N GLY D 82 5.50 -14.74 -22.75
CA GLY D 82 6.42 -14.32 -23.79
C GLY D 82 7.68 -13.68 -23.29
N PHE D 83 7.68 -13.15 -22.07
CA PHE D 83 8.89 -12.56 -21.48
C PHE D 83 9.85 -13.61 -20.94
N ASN D 84 9.40 -14.85 -20.81
CA ASN D 84 10.19 -15.93 -20.20
C ASN D 84 11.58 -16.07 -20.80
N GLY D 85 12.58 -15.86 -19.97
CA GLY D 85 14.00 -16.02 -20.36
C GLY D 85 14.61 -14.89 -21.13
N LYS D 86 13.91 -13.77 -21.30
CA LYS D 86 14.43 -12.63 -22.05
C LYS D 86 15.34 -11.76 -21.20
#